data_3TQD
#
_entry.id   3TQD
#
_cell.length_a   67.752
_cell.length_b   51.616
_cell.length_c   78.874
_cell.angle_alpha   90.00
_cell.angle_beta   111.92
_cell.angle_gamma   90.00
#
_symmetry.space_group_name_H-M   'C 1 2 1'
#
loop_
_entity.id
_entity.type
_entity.pdbx_description
1 polymer '3-deoxy-manno-octulosonate cytidylyltransferase'
2 non-polymer 'NICKEL (II) ION'
3 non-polymer 'ACETATE ION'
4 water water
#
_entity_poly.entity_id   1
_entity_poly.type   'polypeptide(L)'
_entity_poly.pdbx_seq_one_letter_code
;SNA(MSE)RGK(MSE)EFRVIIPARFDSTRLPGKALVDIAGKP(MSE)IQHVYESAIKSGAEEVVIATDDKRIRQVAEDF
GAVVC(MSE)TSSDHQSGTERIAEAAVALGFEDDEIIVCLQGDEPLIPPDAIRKLAEDLDEHDNVKVASLCTPITEVDEL
FNPHSTKVVLNRRNYALYFSHAPIPWGRDTFSDKENLQLNGSHYRHVGIYAYRVGFLEEYLSWDACPAEK(MSE)EALEQ
LRILWHGGRIH(MSE)VVAKSKCPPGVDTEEDLERVRAYF
;
_entity_poly.pdbx_strand_id   A
#
loop_
_chem_comp.id
_chem_comp.type
_chem_comp.name
_chem_comp.formula
ACT non-polymer 'ACETATE ION' 'C2 H3 O2 -1'
NI non-polymer 'NICKEL (II) ION' 'Ni 2'
#
# COMPACT_ATOMS: atom_id res chain seq x y z
N GLU A 9 17.64 -2.70 -9.27
CA GLU A 9 17.68 -1.33 -8.69
C GLU A 9 16.58 -1.08 -7.70
N PHE A 10 15.40 -1.68 -7.92
CA PHE A 10 14.48 -1.94 -6.84
C PHE A 10 13.77 -3.27 -7.01
N ARG A 11 13.30 -3.81 -5.90
CA ARG A 11 12.61 -5.09 -5.86
C ARG A 11 11.25 -4.89 -5.23
N VAL A 12 10.27 -5.63 -5.71
CA VAL A 12 8.94 -5.58 -5.15
C VAL A 12 8.69 -6.83 -4.33
N ILE A 13 8.18 -6.67 -3.12
CA ILE A 13 7.63 -7.76 -2.35
C ILE A 13 6.14 -7.53 -2.12
N ILE A 14 5.34 -8.57 -2.44
CA ILE A 14 3.90 -8.47 -2.30
C ILE A 14 3.41 -9.38 -1.18
N PRO A 15 3.00 -8.80 -0.03
CA PRO A 15 2.50 -9.64 1.04
C PRO A 15 1.10 -9.99 0.66
N ALA A 16 0.77 -11.26 0.73
CA ALA A 16 -0.52 -11.67 0.25
C ALA A 16 -1.14 -12.50 1.32
N ARG A 17 -2.40 -12.23 1.58
CA ARG A 17 -3.14 -12.88 2.65
C ARG A 17 -4.28 -13.72 2.09
N PHE A 18 -4.57 -14.82 2.77
CA PHE A 18 -5.75 -15.62 2.45
C PHE A 18 -6.97 -15.27 3.33
N ASP A 19 -6.88 -15.39 4.65
CA ASP A 19 -8.06 -15.04 5.49
C ASP A 19 -8.12 -13.53 5.67
N LEU A 23 -13.19 -10.35 3.11
CA LEU A 23 -13.13 -11.21 1.94
C LEU A 23 -12.29 -12.46 2.20
N PRO A 24 -12.95 -13.54 2.59
CA PRO A 24 -12.23 -14.79 2.66
C PRO A 24 -11.59 -15.19 1.32
N GLY A 25 -10.33 -15.62 1.38
CA GLY A 25 -9.66 -16.20 0.24
C GLY A 25 -9.21 -15.05 -0.64
N LYS A 26 -8.88 -13.95 0.04
CA LYS A 26 -8.71 -12.62 -0.56
C LYS A 26 -7.80 -12.49 -1.79
N ALA A 27 -6.58 -12.99 -1.66
CA ALA A 27 -5.59 -12.90 -2.73
C ALA A 27 -6.01 -13.62 -3.99
N LEU A 28 -6.94 -14.57 -3.86
CA LEU A 28 -7.32 -15.46 -4.96
C LEU A 28 -8.71 -15.18 -5.52
N VAL A 29 -9.38 -14.11 -5.05
CA VAL A 29 -10.68 -13.73 -5.59
C VAL A 29 -10.53 -13.46 -7.09
N ASP A 30 -11.48 -13.93 -7.87
CA ASP A 30 -11.41 -13.74 -9.31
C ASP A 30 -11.67 -12.30 -9.69
N ILE A 31 -10.79 -11.75 -10.52
CA ILE A 31 -11.01 -10.44 -11.13
C ILE A 31 -10.78 -10.56 -12.64
N ALA A 32 -11.88 -10.55 -13.40
CA ALA A 32 -11.87 -10.61 -14.85
C ALA A 32 -11.03 -11.80 -15.39
N GLY A 33 -11.02 -12.91 -14.67
CA GLY A 33 -10.38 -14.15 -15.15
C GLY A 33 -9.12 -14.58 -14.42
N LYS A 34 -8.49 -13.66 -13.72
CA LYS A 34 -7.24 -13.89 -13.02
C LYS A 34 -7.42 -13.56 -11.55
N PRO A 35 -6.78 -14.36 -10.66
CA PRO A 35 -6.90 -14.00 -9.23
C PRO A 35 -6.29 -12.64 -8.96
N MSE A 36 -6.76 -11.96 -7.90
CA MSE A 36 -6.33 -10.63 -7.60
C MSE A 36 -4.84 -10.54 -7.50
O MSE A 36 -4.24 -9.60 -8.03
CB MSE A 36 -6.95 -10.08 -6.31
CG MSE A 36 -6.35 -8.80 -5.89
SE MSE A 36 -7.61 -7.73 -4.79
CE MSE A 36 -7.41 -8.70 -3.12
N ILE A 37 -4.23 -11.51 -6.84
CA ILE A 37 -2.79 -11.49 -6.66
C ILE A 37 -2.01 -11.49 -7.98
N GLN A 38 -2.59 -12.10 -9.00
CA GLN A 38 -1.95 -12.09 -10.33
C GLN A 38 -1.93 -10.70 -10.94
N HIS A 39 -3.05 -9.98 -10.78
CA HIS A 39 -3.12 -8.57 -11.25
C HIS A 39 -2.05 -7.70 -10.57
N VAL A 40 -1.96 -7.84 -9.26
CA VAL A 40 -0.94 -7.18 -8.48
C VAL A 40 0.45 -7.52 -8.97
N TYR A 41 0.72 -8.80 -9.12
CA TYR A 41 2.01 -9.28 -9.61
C TYR A 41 2.39 -8.70 -10.97
N GLU A 42 1.41 -8.66 -11.88
CA GLU A 42 1.64 -8.11 -13.21
C GLU A 42 2.00 -6.63 -13.14
N SER A 43 1.27 -5.83 -12.35
CA SER A 43 1.70 -4.41 -12.10
C SER A 43 3.16 -4.24 -11.63
N ALA A 44 3.62 -5.14 -10.73
CA ALA A 44 4.98 -5.13 -10.25
C ALA A 44 5.97 -5.47 -11.35
N ILE A 45 5.71 -6.51 -12.14
CA ILE A 45 6.60 -6.80 -13.27
C ILE A 45 6.75 -5.59 -14.19
N LYS A 46 5.63 -4.98 -14.56
CA LYS A 46 5.59 -3.89 -15.53
C LYS A 46 6.29 -2.65 -15.03
N SER A 47 6.44 -2.55 -13.72
CA SER A 47 7.13 -1.40 -13.10
C SER A 47 8.61 -1.31 -13.41
N GLY A 48 9.16 -2.42 -13.88
CA GLY A 48 10.60 -2.57 -14.12
C GLY A 48 11.44 -3.04 -12.94
N ALA A 49 10.77 -3.55 -11.92
CA ALA A 49 11.40 -4.11 -10.73
C ALA A 49 12.42 -5.16 -11.17
N GLU A 50 13.59 -5.19 -10.53
CA GLU A 50 14.58 -6.23 -10.83
C GLU A 50 14.03 -7.65 -10.55
N GLU A 51 13.24 -7.77 -9.48
CA GLU A 51 12.67 -9.01 -8.98
C GLU A 51 11.34 -8.69 -8.33
N VAL A 52 10.36 -9.59 -8.46
CA VAL A 52 9.05 -9.43 -7.83
C VAL A 52 8.83 -10.73 -7.12
N VAL A 53 8.57 -10.64 -5.82
CA VAL A 53 8.35 -11.83 -5.03
C VAL A 53 7.11 -11.72 -4.23
N ILE A 54 6.32 -12.81 -4.20
CA ILE A 54 5.14 -12.89 -3.38
C ILE A 54 5.52 -13.56 -2.05
N ALA A 55 5.17 -12.90 -0.95
CA ALA A 55 5.42 -13.40 0.41
C ALA A 55 4.07 -13.76 1.03
N THR A 56 3.95 -15.03 1.41
CA THR A 56 2.71 -15.55 2.00
C THR A 56 3.00 -16.71 2.92
N ASP A 57 2.10 -16.87 3.88
CA ASP A 57 2.18 -17.95 4.81
C ASP A 57 1.16 -19.02 4.42
N ASP A 58 0.51 -18.85 3.26
CA ASP A 58 -0.52 -19.79 2.80
C ASP A 58 -0.14 -20.59 1.56
N LYS A 59 -0.19 -21.89 1.74
CA LYS A 59 0.21 -22.84 0.71
C LYS A 59 -0.68 -22.78 -0.55
N ARG A 60 -1.95 -22.41 -0.42
CA ARG A 60 -2.83 -22.29 -1.59
C ARG A 60 -2.41 -21.10 -2.46
N ILE A 61 -1.99 -20.04 -1.80
CA ILE A 61 -1.50 -18.82 -2.46
C ILE A 61 -0.19 -19.17 -3.13
N ARG A 62 0.68 -19.93 -2.46
CA ARG A 62 1.92 -20.39 -3.08
C ARG A 62 1.59 -21.17 -4.33
N GLN A 63 0.61 -22.07 -4.25
CA GLN A 63 0.37 -22.91 -5.37
C GLN A 63 -0.04 -22.11 -6.59
N VAL A 64 -1.00 -21.21 -6.39
CA VAL A 64 -1.54 -20.44 -7.48
C VAL A 64 -0.51 -19.52 -8.08
N ALA A 65 0.27 -18.86 -7.24
CA ALA A 65 1.32 -17.96 -7.73
C ALA A 65 2.44 -18.71 -8.46
N GLU A 66 2.94 -19.83 -7.91
CA GLU A 66 3.93 -20.64 -8.62
C GLU A 66 3.40 -21.17 -9.94
N ASP A 67 2.10 -21.44 -10.02
CA ASP A 67 1.54 -21.97 -11.24
C ASP A 67 1.40 -20.91 -12.35
N PHE A 68 1.47 -19.64 -12.01
CA PHE A 68 1.59 -18.59 -13.06
C PHE A 68 3.01 -18.08 -13.11
N GLY A 69 3.91 -18.77 -12.41
CA GLY A 69 5.31 -18.54 -12.63
C GLY A 69 6.00 -17.59 -11.69
N ALA A 70 5.33 -17.22 -10.60
CA ALA A 70 5.85 -16.24 -9.64
C ALA A 70 6.84 -16.93 -8.71
N VAL A 71 7.86 -16.20 -8.28
CA VAL A 71 8.70 -16.63 -7.18
C VAL A 71 7.93 -16.31 -5.90
N VAL A 72 7.84 -17.33 -5.04
CA VAL A 72 7.14 -17.22 -3.78
C VAL A 72 8.08 -17.50 -2.62
N CYS A 73 8.04 -16.64 -1.62
CA CYS A 73 8.73 -16.89 -0.36
C CYS A 73 7.69 -17.27 0.71
N MSE A 74 7.75 -18.51 1.20
CA MSE A 74 6.85 -18.95 2.25
C MSE A 74 7.32 -18.29 3.55
O MSE A 74 8.48 -18.47 3.95
CB MSE A 74 6.90 -20.46 2.46
CG MSE A 74 6.10 -21.30 1.45
SE MSE A 74 4.26 -20.74 1.42
CE MSE A 74 3.72 -21.03 3.26
N THR A 75 6.43 -17.57 4.21
CA THR A 75 6.75 -16.89 5.47
C THR A 75 6.09 -17.61 6.64
N SER A 76 6.34 -17.12 7.85
CA SER A 76 5.91 -17.85 9.05
C SER A 76 4.51 -17.41 9.47
N SER A 77 3.70 -18.39 9.87
CA SER A 77 2.39 -18.09 10.45
C SER A 77 2.49 -17.16 11.69
N ASP A 78 3.63 -17.18 12.38
CA ASP A 78 3.90 -16.20 13.47
C ASP A 78 3.97 -14.73 13.00
N HIS A 79 4.55 -14.51 11.81
CA HIS A 79 4.79 -13.17 11.27
C HIS A 79 3.56 -12.67 10.50
N GLN A 80 2.61 -12.11 11.25
CA GLN A 80 1.24 -11.86 10.73
C GLN A 80 1.03 -10.52 10.02
N SER A 81 1.77 -9.49 10.38
CA SER A 81 1.63 -8.22 9.68
C SER A 81 2.35 -8.29 8.34
N GLY A 82 1.88 -7.50 7.39
CA GLY A 82 2.46 -7.39 6.04
C GLY A 82 3.95 -7.12 6.11
N THR A 83 4.34 -6.26 7.05
CA THR A 83 5.75 -5.86 7.16
C THR A 83 6.65 -6.94 7.78
N GLU A 84 6.10 -7.74 8.68
CA GLU A 84 6.81 -8.89 9.18
C GLU A 84 7.11 -9.88 8.05
N ARG A 85 6.14 -10.03 7.15
CA ARG A 85 6.25 -10.93 5.98
C ARG A 85 7.34 -10.46 5.05
N ILE A 86 7.25 -9.17 4.74
CA ILE A 86 8.25 -8.51 3.90
C ILE A 86 9.66 -8.69 4.45
N ALA A 87 9.79 -8.48 5.75
CA ALA A 87 11.07 -8.61 6.44
C ALA A 87 11.62 -10.04 6.35
N GLU A 88 10.76 -11.04 6.62
CA GLU A 88 11.19 -12.43 6.59
C GLU A 88 11.60 -12.74 5.17
N ALA A 89 10.80 -12.29 4.21
CA ALA A 89 11.10 -12.56 2.80
C ALA A 89 12.41 -11.89 2.38
N ALA A 90 12.62 -10.68 2.89
CA ALA A 90 13.79 -9.85 2.52
C ALA A 90 15.05 -10.50 3.07
N VAL A 91 14.93 -11.06 4.25
CA VAL A 91 16.03 -11.86 4.81
C VAL A 91 16.26 -13.15 4.00
N ALA A 92 15.19 -13.91 3.74
CA ALA A 92 15.27 -15.20 2.99
C ALA A 92 15.81 -15.06 1.57
N LEU A 93 15.63 -13.88 0.97
CA LEU A 93 16.06 -13.59 -0.38
C LEU A 93 17.47 -12.95 -0.42
N GLY A 94 18.02 -12.65 0.75
CA GLY A 94 19.34 -12.03 0.87
C GLY A 94 19.50 -10.56 0.55
N PHE A 95 18.47 -9.74 0.70
CA PHE A 95 18.60 -8.32 0.34
C PHE A 95 19.54 -7.56 1.31
N GLU A 96 20.47 -6.80 0.71
CA GLU A 96 21.45 -5.98 1.42
C GLU A 96 20.76 -4.76 2.03
N ASP A 97 21.27 -4.21 3.12
CA ASP A 97 20.63 -3.06 3.80
C ASP A 97 20.43 -1.82 2.90
N ASP A 98 21.18 -1.68 1.81
CA ASP A 98 21.05 -0.47 0.97
C ASP A 98 20.01 -0.63 -0.13
N GLU A 99 19.40 -1.81 -0.22
CA GLU A 99 18.54 -2.12 -1.35
C GLU A 99 17.17 -1.57 -1.06
N ILE A 100 16.52 -1.09 -2.11
CA ILE A 100 15.20 -0.48 -2.03
C ILE A 100 14.19 -1.57 -2.30
N ILE A 101 13.30 -1.74 -1.34
CA ILE A 101 12.16 -2.64 -1.44
C ILE A 101 10.88 -1.82 -1.61
N VAL A 102 10.08 -2.21 -2.56
CA VAL A 102 8.75 -1.67 -2.66
C VAL A 102 7.83 -2.74 -2.09
N CYS A 103 7.08 -2.37 -1.06
CA CYS A 103 6.01 -3.23 -0.51
C CYS A 103 4.74 -2.87 -1.21
N LEU A 104 4.24 -3.77 -2.07
CA LEU A 104 3.00 -3.56 -2.79
C LEU A 104 1.95 -4.50 -2.23
N GLN A 105 0.96 -3.96 -1.52
CA GLN A 105 -0.03 -4.80 -0.86
C GLN A 105 -0.81 -5.64 -1.86
N GLY A 106 -1.15 -6.87 -1.47
CA GLY A 106 -1.87 -7.74 -2.37
C GLY A 106 -3.30 -7.31 -2.61
N ASP A 107 -3.73 -6.26 -1.92
CA ASP A 107 -5.04 -5.69 -2.16
C ASP A 107 -5.06 -4.51 -3.09
N GLU A 108 -3.93 -4.24 -3.74
CA GLU A 108 -3.92 -3.11 -4.68
C GLU A 108 -3.58 -3.62 -6.11
N PRO A 109 -4.57 -3.99 -6.89
CA PRO A 109 -4.34 -4.56 -8.25
C PRO A 109 -4.26 -3.56 -9.37
N LEU A 110 -4.54 -2.27 -9.11
CA LEU A 110 -4.63 -1.28 -10.16
C LEU A 110 -3.73 -0.08 -9.99
N ILE A 111 -2.59 -0.24 -9.31
CA ILE A 111 -1.63 0.84 -9.22
C ILE A 111 -0.92 0.94 -10.60
N PRO A 112 -0.82 2.15 -11.16
CA PRO A 112 -0.06 2.33 -12.40
C PRO A 112 1.38 1.90 -12.19
N PRO A 113 1.92 1.10 -13.10
CA PRO A 113 3.32 0.64 -12.96
C PRO A 113 4.34 1.81 -12.90
N ASP A 114 4.07 2.88 -13.63
CA ASP A 114 4.95 4.05 -13.58
C ASP A 114 5.00 4.68 -12.17
N ALA A 115 3.90 4.61 -11.43
CA ALA A 115 3.82 5.14 -10.06
C ALA A 115 4.64 4.31 -9.10
N ILE A 116 4.62 2.98 -9.28
CA ILE A 116 5.48 2.08 -8.52
C ILE A 116 6.93 2.49 -8.66
N ARG A 117 7.36 2.61 -9.91
CA ARG A 117 8.70 3.07 -10.18
C ARG A 117 8.99 4.48 -9.60
N LYS A 118 8.08 5.41 -9.80
CA LYS A 118 8.27 6.76 -9.27
C LYS A 118 8.48 6.74 -7.76
N LEU A 119 7.76 5.85 -7.05
CA LEU A 119 7.89 5.72 -5.60
C LEU A 119 9.28 5.30 -5.23
N ALA A 120 9.78 4.24 -5.88
CA ALA A 120 11.21 3.88 -5.72
C ALA A 120 12.21 5.01 -5.97
N GLU A 121 11.96 5.77 -7.03
CA GLU A 121 12.86 6.90 -7.38
C GLU A 121 12.84 7.94 -6.26
N ASP A 122 11.65 8.18 -5.71
CA ASP A 122 11.52 9.22 -4.67
C ASP A 122 12.42 8.91 -3.46
N LEU A 123 12.37 7.67 -3.04
CA LEU A 123 13.11 7.22 -1.90
C LEU A 123 14.60 7.26 -2.19
N ASP A 124 14.97 6.90 -3.41
CA ASP A 124 16.39 6.92 -3.82
C ASP A 124 16.95 8.34 -3.98
N GLU A 125 16.14 9.25 -4.50
CA GLU A 125 16.50 10.67 -4.65
C GLU A 125 16.92 11.31 -3.32
N HIS A 126 16.24 10.90 -2.24
CA HIS A 126 16.38 11.49 -0.89
C HIS A 126 16.95 10.52 0.16
N ASP A 127 17.90 11.02 0.96
CA ASP A 127 18.55 10.23 2.00
C ASP A 127 17.96 10.58 3.36
N LYS A 130 13.95 7.63 4.41
CA LYS A 130 13.73 6.30 4.97
C LYS A 130 12.55 5.50 4.37
N VAL A 131 11.38 6.15 4.26
CA VAL A 131 10.14 5.53 3.81
C VAL A 131 9.39 6.54 2.94
N ALA A 132 8.91 6.08 1.78
CA ALA A 132 8.06 6.84 0.89
C ALA A 132 6.75 6.08 0.70
N SER A 133 5.68 6.80 0.47
CA SER A 133 4.45 6.15 0.07
C SER A 133 3.71 7.00 -0.93
N LEU A 134 2.61 6.47 -1.45
CA LEU A 134 1.92 7.05 -2.58
C LEU A 134 0.49 7.47 -2.15
N CYS A 135 0.01 8.55 -2.78
CA CYS A 135 -1.37 8.98 -2.62
C CYS A 135 -1.90 9.53 -3.91
N THR A 136 -3.19 9.82 -3.94
CA THR A 136 -3.86 10.24 -5.13
C THR A 136 -4.91 11.26 -4.69
N PRO A 137 -5.21 12.27 -5.52
CA PRO A 137 -6.24 13.30 -5.21
C PRO A 137 -7.63 12.74 -4.99
N ILE A 138 -8.32 13.27 -3.98
CA ILE A 138 -9.74 13.00 -3.82
C ILE A 138 -10.49 14.17 -4.45
N THR A 139 -11.30 13.87 -5.41
CA THR A 139 -12.11 14.86 -6.08
C THR A 139 -13.61 14.70 -5.84
N GLU A 140 -14.02 13.57 -5.26
CA GLU A 140 -15.42 13.29 -4.97
C GLU A 140 -15.71 13.41 -3.47
N VAL A 141 -16.64 14.30 -3.15
CA VAL A 141 -17.05 14.45 -1.77
C VAL A 141 -17.42 13.10 -1.13
N ASP A 142 -18.10 12.21 -1.88
CA ASP A 142 -18.55 10.93 -1.28
C ASP A 142 -17.36 10.07 -0.83
N GLU A 143 -16.27 10.15 -1.57
CA GLU A 143 -15.08 9.37 -1.23
C GLU A 143 -14.40 9.93 0.01
N LEU A 144 -14.25 11.25 0.09
CA LEU A 144 -13.74 11.92 1.27
C LEU A 144 -14.42 11.47 2.55
N PHE A 145 -15.71 11.45 2.49
CA PHE A 145 -16.53 11.26 3.67
C PHE A 145 -16.75 9.79 3.90
N ASN A 146 -16.32 8.92 2.98
CA ASN A 146 -16.46 7.48 3.20
C ASN A 146 -15.45 7.00 4.22
N PRO A 147 -15.90 6.40 5.37
CA PRO A 147 -14.95 5.93 6.41
C PRO A 147 -14.03 4.79 5.95
N HIS A 148 -14.45 4.04 4.93
CA HIS A 148 -13.58 3.04 4.34
C HIS A 148 -12.30 3.57 3.70
N SER A 149 -12.30 4.78 3.15
CA SER A 149 -11.10 5.35 2.49
C SER A 149 -10.10 5.95 3.48
N THR A 150 -8.81 5.82 3.21
CA THR A 150 -7.81 6.46 4.04
C THR A 150 -7.36 7.76 3.45
N LYS A 151 -7.47 8.81 4.27
CA LYS A 151 -7.02 10.13 3.88
C LYS A 151 -5.64 10.36 4.43
N VAL A 152 -4.84 11.20 3.77
CA VAL A 152 -3.55 11.58 4.26
C VAL A 152 -3.44 13.10 4.10
N VAL A 153 -2.86 13.72 5.11
CA VAL A 153 -2.61 15.17 5.13
C VAL A 153 -1.13 15.38 5.02
N LEU A 154 -0.79 16.31 4.11
CA LEU A 154 0.59 16.57 3.76
C LEU A 154 1.13 17.88 4.33
N ASN A 155 2.43 17.91 4.58
CA ASN A 155 3.07 19.18 4.83
C ASN A 155 3.62 19.77 3.54
N ARG A 156 4.27 20.91 3.67
CA ARG A 156 4.68 21.67 2.48
C ARG A 156 5.57 20.88 1.55
N ARG A 157 6.42 20.04 2.12
CA ARG A 157 7.35 19.23 1.38
C ARG A 157 6.87 17.82 1.07
N ASN A 158 5.55 17.63 1.16
CA ASN A 158 4.86 16.42 0.91
C ASN A 158 5.18 15.27 1.88
N TYR A 159 5.64 15.57 3.09
CA TYR A 159 5.72 14.52 4.18
C TYR A 159 4.34 14.31 4.79
N ALA A 160 4.02 13.09 5.26
CA ALA A 160 2.73 12.86 5.79
C ALA A 160 2.67 13.40 7.22
N LEU A 161 1.65 14.19 7.54
CA LEU A 161 1.45 14.60 8.91
C LEU A 161 0.64 13.60 9.67
N TYR A 162 -0.37 13.09 8.99
CA TYR A 162 -1.30 12.10 9.62
C TYR A 162 -2.01 11.31 8.57
N PHE A 163 -2.50 10.08 8.95
CA PHE A 163 -3.32 9.26 8.10
C PHE A 163 -4.55 8.93 8.94
N SER A 164 -5.72 8.93 8.31
CA SER A 164 -7.00 8.60 8.98
C SER A 164 -8.09 8.18 8.05
N HIS A 165 -9.05 7.44 8.65
CA HIS A 165 -10.35 7.25 7.98
C HIS A 165 -11.24 8.45 8.09
N ALA A 166 -10.96 9.36 9.02
CA ALA A 166 -11.76 10.57 9.15
C ALA A 166 -11.53 11.54 7.98
N PRO A 167 -12.52 12.38 7.67
CA PRO A 167 -12.37 13.34 6.60
C PRO A 167 -11.53 14.55 6.95
N ILE A 168 -10.24 14.42 6.62
CA ILE A 168 -9.23 15.42 6.94
C ILE A 168 -8.48 15.85 5.69
N PRO A 169 -8.16 17.14 5.61
CA PRO A 169 -8.52 18.19 6.53
C PRO A 169 -10.01 18.47 6.54
N TRP A 170 -10.49 18.80 7.72
CA TRP A 170 -11.93 19.11 7.88
C TRP A 170 -12.23 20.55 7.48
N GLY A 171 -13.33 20.76 6.73
CA GLY A 171 -13.76 22.11 6.31
C GLY A 171 -14.70 22.62 7.34
N ARG A 172 -14.19 23.40 8.30
CA ARG A 172 -14.94 23.91 9.42
C ARG A 172 -16.24 24.58 8.93
N ASP A 173 -16.12 25.43 7.94
CA ASP A 173 -17.29 26.23 7.49
C ASP A 173 -17.97 25.72 6.22
N THR A 174 -17.48 24.61 5.66
CA THR A 174 -17.94 24.04 4.39
C THR A 174 -18.51 22.63 4.51
N PHE A 175 -18.08 21.82 5.51
CA PHE A 175 -18.56 20.42 5.58
C PHE A 175 -20.02 20.31 5.99
N SER A 176 -20.61 21.42 6.44
CA SER A 176 -22.02 21.50 6.80
C SER A 176 -22.87 22.00 5.60
N ASP A 177 -22.20 22.10 4.44
CA ASP A 177 -22.84 22.58 3.20
C ASP A 177 -22.21 21.81 2.02
N LYS A 178 -22.46 20.49 1.98
CA LYS A 178 -21.75 19.61 1.06
C LYS A 178 -22.15 19.87 -0.40
N GLU A 179 -23.38 20.30 -0.60
CA GLU A 179 -23.88 20.73 -1.91
C GLU A 179 -23.12 21.90 -2.57
N ASN A 180 -22.42 22.71 -1.76
CA ASN A 180 -21.53 23.72 -2.30
C ASN A 180 -20.08 23.38 -2.20
N LEU A 181 -19.78 22.17 -1.74
CA LEU A 181 -18.41 21.81 -1.47
C LEU A 181 -17.76 21.25 -2.74
N GLN A 182 -16.70 21.93 -3.20
CA GLN A 182 -15.89 21.44 -4.33
C GLN A 182 -14.48 21.10 -3.76
N LEU A 183 -13.95 19.94 -4.12
CA LEU A 183 -12.60 19.55 -3.67
C LEU A 183 -11.55 19.95 -4.72
N ASN A 184 -10.68 20.91 -4.39
CA ASN A 184 -9.72 21.46 -5.38
C ASN A 184 -8.28 21.42 -4.87
N GLY A 185 -7.62 20.28 -5.07
CA GLY A 185 -6.24 20.04 -4.60
C GLY A 185 -6.15 19.88 -3.10
N SER A 186 -7.29 19.60 -2.47
CA SER A 186 -7.45 19.79 -1.06
C SER A 186 -7.22 18.50 -0.20
N HIS A 187 -7.36 17.33 -0.80
CA HIS A 187 -7.53 16.09 -0.12
C HIS A 187 -6.91 14.97 -0.96
N TYR A 188 -6.32 14.00 -0.26
CA TYR A 188 -5.53 12.93 -0.84
C TYR A 188 -5.91 11.61 -0.19
N ARG A 189 -6.04 10.61 -1.02
CA ARG A 189 -6.26 9.26 -0.58
C ARG A 189 -4.97 8.44 -0.61
N HIS A 190 -4.74 7.75 0.49
CA HIS A 190 -3.58 6.92 0.64
C HIS A 190 -3.71 5.60 -0.10
N VAL A 191 -2.64 5.18 -0.77
CA VAL A 191 -2.57 3.91 -1.56
C VAL A 191 -1.63 2.97 -0.81
N GLY A 192 -1.97 1.68 -0.76
CA GLY A 192 -1.26 0.67 0.01
C GLY A 192 0.03 0.19 -0.63
N ILE A 193 0.99 1.08 -0.68
CA ILE A 193 2.26 0.79 -1.28
C ILE A 193 3.28 1.61 -0.57
N TYR A 194 4.39 1.00 -0.21
CA TYR A 194 5.52 1.70 0.34
C TYR A 194 6.85 1.35 -0.26
N ALA A 195 7.80 2.30 -0.20
CA ALA A 195 9.20 2.06 -0.48
C ALA A 195 10.05 2.31 0.75
N TYR A 196 10.94 1.36 1.00
CA TYR A 196 11.71 1.29 2.23
C TYR A 196 13.14 0.83 1.80
N ARG A 197 14.19 1.31 2.42
CA ARG A 197 15.46 0.58 2.32
C ARG A 197 15.38 -0.56 3.33
N VAL A 198 16.04 -1.67 3.01
CA VAL A 198 15.94 -2.91 3.77
C VAL A 198 16.44 -2.67 5.19
N GLY A 199 17.53 -1.89 5.28
CA GLY A 199 18.07 -1.41 6.52
C GLY A 199 17.07 -0.89 7.53
N PHE A 200 16.06 -0.18 7.03
CA PHE A 200 15.03 0.43 7.87
C PHE A 200 14.14 -0.62 8.52
N LEU A 201 14.00 -1.81 7.92
CA LEU A 201 13.02 -2.77 8.41
C LEU A 201 13.38 -3.32 9.79
N GLU A 202 14.68 -3.47 10.05
CA GLU A 202 15.12 -3.91 11.39
C GLU A 202 14.74 -2.88 12.46
N GLU A 203 15.12 -1.62 12.25
CA GLU A 203 14.64 -0.54 13.11
C GLU A 203 13.11 -0.55 13.19
N TYR A 204 12.43 -0.57 12.06
CA TYR A 204 10.98 -0.53 12.12
C TYR A 204 10.40 -1.64 12.99
N LEU A 205 10.89 -2.86 12.84
CA LEU A 205 10.33 -3.99 13.58
C LEU A 205 10.60 -3.95 15.08
N SER A 206 11.58 -3.16 15.53
CA SER A 206 11.83 -2.95 16.97
C SER A 206 10.78 -2.08 17.65
N TRP A 207 9.98 -1.38 16.85
CA TRP A 207 9.02 -0.43 17.41
C TRP A 207 7.75 -1.15 17.80
N ASP A 208 7.20 -0.81 18.95
CA ASP A 208 5.89 -1.33 19.27
C ASP A 208 4.76 -0.49 18.69
N ALA A 209 3.58 -1.11 18.63
CA ALA A 209 2.38 -0.49 18.18
C ALA A 209 1.97 0.65 19.09
N CYS A 210 1.10 1.50 18.56
CA CYS A 210 0.57 2.60 19.29
C CYS A 210 -0.95 2.57 19.27
N PRO A 211 -1.60 3.26 20.24
CA PRO A 211 -3.05 3.25 20.28
C PRO A 211 -3.69 3.71 18.98
N ALA A 212 -3.13 4.73 18.33
CA ALA A 212 -3.79 5.31 17.16
C ALA A 212 -3.79 4.33 15.97
N GLU A 213 -2.67 3.63 15.77
CA GLU A 213 -2.57 2.62 14.73
C GLU A 213 -3.63 1.51 14.97
N LYS A 214 -3.90 1.16 16.23
CA LYS A 214 -4.89 0.08 16.53
C LYS A 214 -6.33 0.55 16.31
N MSE A 215 -6.62 1.79 16.66
CA MSE A 215 -7.97 2.36 16.48
C MSE A 215 -8.30 2.52 14.97
O MSE A 215 -9.39 2.11 14.50
CB MSE A 215 -8.07 3.75 17.12
CG MSE A 215 -8.13 3.66 18.61
SE MSE A 215 -8.40 5.45 19.27
CE MSE A 215 -6.58 5.86 19.78
N GLU A 216 -7.38 3.15 14.28
CA GLU A 216 -7.49 3.44 12.82
C GLU A 216 -7.32 2.17 11.93
N ALA A 217 -6.66 1.16 12.50
CA ALA A 217 -6.16 -0.02 11.77
C ALA A 217 -5.27 0.43 10.61
N LEU A 218 -4.37 1.36 10.95
CA LEU A 218 -3.40 1.85 9.99
C LEU A 218 -1.99 1.69 10.51
N GLU A 219 -1.28 0.66 10.05
CA GLU A 219 0.00 0.32 10.65
C GLU A 219 1.07 1.41 10.46
N GLN A 220 0.90 2.14 9.39
CA GLN A 220 1.82 3.26 9.06
C GLN A 220 1.87 4.34 10.15
N LEU A 221 0.83 4.44 10.97
CA LEU A 221 0.84 5.39 12.09
C LEU A 221 1.93 5.09 13.08
N ARG A 222 2.38 3.84 13.13
CA ARG A 222 3.48 3.50 13.96
C ARG A 222 4.75 4.31 13.68
N ILE A 223 5.06 4.50 12.41
CA ILE A 223 6.22 5.27 11.98
C ILE A 223 6.09 6.72 12.54
N LEU A 224 4.95 7.36 12.26
CA LEU A 224 4.70 8.71 12.81
C LEU A 224 4.79 8.78 14.33
N TRP A 225 4.22 7.78 15.02
CA TRP A 225 4.21 7.73 16.46
C TRP A 225 5.64 7.81 17.02
N HIS A 226 6.54 7.14 16.31
CA HIS A 226 7.92 6.95 16.77
C HIS A 226 8.83 8.04 16.22
N GLY A 227 8.23 9.08 15.65
CA GLY A 227 9.02 10.25 15.25
C GLY A 227 9.63 10.09 13.87
N GLY A 228 9.26 9.03 13.18
CA GLY A 228 9.71 8.77 11.83
C GLY A 228 8.92 9.63 10.88
N ARG A 229 9.40 9.73 9.66
CA ARG A 229 8.71 10.46 8.59
C ARG A 229 8.45 9.58 7.37
N ILE A 230 7.38 9.87 6.64
CA ILE A 230 7.04 9.20 5.42
C ILE A 230 6.87 10.24 4.33
N HIS A 231 7.68 10.17 3.29
CA HIS A 231 7.56 11.11 2.20
C HIS A 231 6.50 10.63 1.21
N MSE A 232 5.60 11.52 0.79
CA MSE A 232 4.54 11.14 -0.09
C MSE A 232 4.82 11.58 -1.53
O MSE A 232 5.32 12.66 -1.75
CB MSE A 232 3.22 11.72 0.41
CG MSE A 232 2.97 11.32 1.87
SE MSE A 232 2.80 9.44 2.16
CE MSE A 232 1.35 9.21 0.96
N VAL A 233 4.51 10.68 -2.47
CA VAL A 233 4.45 10.93 -3.88
C VAL A 233 2.99 10.93 -4.27
N VAL A 234 2.60 11.93 -5.05
CA VAL A 234 1.26 12.04 -5.63
C VAL A 234 1.26 11.41 -7.02
N ALA A 235 0.53 10.28 -7.19
CA ALA A 235 0.40 9.65 -8.50
C ALA A 235 -0.15 10.60 -9.52
N LYS A 236 0.47 10.57 -10.70
CA LYS A 236 0.04 11.38 -11.82
C LYS A 236 -1.24 10.82 -12.40
N SER A 237 -1.25 9.50 -12.55
CA SER A 237 -2.35 8.75 -13.17
C SER A 237 -3.41 8.34 -12.17
N LYS A 238 -4.60 8.01 -12.68
CA LYS A 238 -5.68 7.46 -11.86
C LYS A 238 -5.17 6.20 -11.14
N CYS A 239 -5.39 6.13 -9.85
CA CYS A 239 -5.09 4.98 -9.03
C CYS A 239 -6.37 4.54 -8.33
N PRO A 240 -7.15 3.71 -8.98
CA PRO A 240 -8.42 3.23 -8.39
C PRO A 240 -8.25 2.61 -7.01
N PRO A 241 -9.20 2.86 -6.10
CA PRO A 241 -9.03 2.21 -4.80
C PRO A 241 -8.95 0.70 -4.89
N GLY A 242 -8.20 0.12 -3.96
CA GLY A 242 -8.07 -1.32 -3.82
C GLY A 242 -9.27 -2.06 -3.29
N VAL A 243 -9.03 -3.30 -2.90
CA VAL A 243 -10.12 -4.25 -2.62
C VAL A 243 -9.97 -4.84 -1.23
N ASP A 244 -10.78 -4.36 -0.31
CA ASP A 244 -10.85 -5.00 1.01
C ASP A 244 -12.21 -5.58 1.39
N THR A 245 -13.30 -5.13 0.73
CA THR A 245 -14.68 -5.52 1.03
C THR A 245 -15.30 -6.11 -0.23
N GLU A 246 -16.48 -6.72 -0.11
CA GLU A 246 -17.19 -7.24 -1.27
C GLU A 246 -17.68 -6.12 -2.18
N GLU A 247 -17.95 -4.94 -1.61
CA GLU A 247 -18.33 -3.76 -2.41
C GLU A 247 -17.17 -3.31 -3.32
N ASP A 248 -15.99 -3.31 -2.74
CA ASP A 248 -14.77 -2.96 -3.48
C ASP A 248 -14.56 -3.92 -4.67
N LEU A 249 -14.81 -5.19 -4.42
CA LEU A 249 -14.59 -6.22 -5.43
C LEU A 249 -15.51 -6.04 -6.61
N GLU A 250 -16.81 -5.80 -6.38
CA GLU A 250 -17.71 -5.55 -7.48
C GLU A 250 -17.39 -4.28 -8.28
N ARG A 251 -16.94 -3.23 -7.60
CA ARG A 251 -16.48 -2.00 -8.28
C ARG A 251 -15.28 -2.24 -9.19
N VAL A 252 -14.29 -2.95 -8.67
CA VAL A 252 -13.13 -3.24 -9.46
C VAL A 252 -13.45 -4.21 -10.59
N ARG A 253 -14.26 -5.25 -10.34
CA ARG A 253 -14.67 -6.13 -11.44
C ARG A 253 -15.35 -5.32 -12.58
N ALA A 254 -16.11 -4.27 -12.24
CA ALA A 254 -16.82 -3.43 -13.23
C ALA A 254 -15.97 -2.44 -14.05
N TYR A 255 -14.68 -2.30 -13.70
CA TYR A 255 -13.70 -1.59 -14.53
C TYR A 255 -13.31 -2.32 -15.83
N PHE A 256 -13.57 -3.63 -15.91
CA PHE A 256 -13.09 -4.45 -17.03
C PHE A 256 -14.24 -4.74 -18.01
NI NI B . -17.76 25.74 -2.99
C ACT C . 1.75 -14.09 -16.17
O ACT C . 0.86 -14.79 -16.80
OXT ACT C . 1.46 -13.05 -15.45
CH3 ACT C . 3.18 -14.49 -16.27
#